data_3IME
#
_entry.id   3IME
#
_cell.length_a   48.632
_cell.length_b   71.338
_cell.length_c   82.060
_cell.angle_alpha   90.00
_cell.angle_beta   99.51
_cell.angle_gamma   90.00
#
_symmetry.space_group_name_H-M   'P 1 21 1'
#
loop_
_entity.id
_entity.type
_entity.pdbx_description
1 polymer 'Pantothenate synthetase'
2 non-polymer '1-benzofuran-2-carboxylic acid'
3 non-polymer GLYCEROL
4 non-polymer ETHANOL
5 water water
#
_entity_poly.entity_id   1
_entity_poly.type   'polypeptide(L)'
_entity_poly.pdbx_seq_one_letter_code
;AMAIPAFHPGELNVYSAPGDVADVSRALRLTGRRVMLVPTMGALHEGHLALVRAAKRVPGSVVVVSIFVNPMQFGAGGDL
DAYPRTPDDDLAQLRAEGVEIAFTPTTAAMYPDGLRTTVQPGPLAAELEGGPRPTHFAGVLTVVLKLLQIVRPDRVFFGE
KDYQQLVLIRQLVADFNLDVAVVGVPTVREADGLAMSSRNRYLDPAQRAAAVALSAALTAAAHAATAGAQAALDAARAVL
DAAPGVAVDYLELRDIGLGPMPLNGSGRLLVAARLGTTRLLDNIAIEIGTFAGTDRPDGYR
;
_entity_poly.pdbx_strand_id   A,B
#
loop_
_chem_comp.id
_chem_comp.type
_chem_comp.name
_chem_comp.formula
BZ2 non-polymer '1-benzofuran-2-carboxylic acid' 'C9 H6 O3'
EOH non-polymer ETHANOL 'C2 H6 O'
GOL non-polymer GLYCEROL 'C3 H8 O3'
#
# COMPACT_ATOMS: atom_id res chain seq x y z
N PRO A 5 21.17 -5.94 14.73
CA PRO A 5 21.54 -7.30 14.31
C PRO A 5 22.85 -7.35 13.51
N ALA A 6 23.56 -8.46 13.63
CA ALA A 6 24.80 -8.74 12.90
C ALA A 6 24.57 -8.96 11.39
N PHE A 7 25.55 -8.55 10.58
CA PHE A 7 25.56 -8.95 9.17
C PHE A 7 26.92 -9.49 8.83
N HIS A 8 26.98 -10.82 8.68
CA HIS A 8 28.21 -11.52 8.27
C HIS A 8 28.29 -11.72 6.74
N PRO A 9 29.08 -10.87 6.00
CA PRO A 9 29.14 -10.89 4.54
C PRO A 9 29.69 -12.17 3.95
N GLY A 10 29.27 -12.45 2.72
CA GLY A 10 29.65 -13.65 1.98
C GLY A 10 29.10 -14.93 2.58
N GLU A 11 28.12 -14.75 3.45
CA GLU A 11 27.47 -15.80 4.20
C GLU A 11 25.94 -15.58 4.20
N LEU A 12 25.18 -16.62 4.45
CA LEU A 12 23.75 -16.44 4.56
C LEU A 12 23.41 -15.97 5.98
N ASN A 13 22.82 -14.77 6.03
CA ASN A 13 22.26 -14.19 7.26
C ASN A 13 20.74 -14.36 7.31
N VAL A 14 20.25 -15.03 8.35
CA VAL A 14 18.81 -15.35 8.43
C VAL A 14 18.16 -14.45 9.50
N TYR A 15 17.25 -13.56 9.07
CA TYR A 15 16.43 -12.72 9.98
C TYR A 15 14.97 -13.05 9.88
N SER A 16 14.32 -13.08 11.03
CA SER A 16 12.92 -13.33 11.19
C SER A 16 12.10 -12.11 11.52
N ALA A 17 12.71 -11.14 12.14
CA ALA A 17 12.04 -9.92 12.53
C ALA A 17 12.09 -8.89 11.43
N PRO A 18 10.96 -8.30 11.13
CA PRO A 18 10.89 -7.22 10.18
C PRO A 18 11.83 -6.11 10.55
N GLY A 19 11.93 -5.80 11.82
CA GLY A 19 12.79 -4.73 12.30
C GLY A 19 14.23 -5.00 11.95
N ASP A 20 14.65 -6.27 12.10
CA ASP A 20 16.04 -6.71 11.87
C ASP A 20 16.46 -6.65 10.40
N VAL A 21 15.67 -7.26 9.52
CA VAL A 21 15.90 -7.09 8.06
C VAL A 21 15.76 -5.63 7.56
N ALA A 22 14.84 -4.84 8.13
CA ALA A 22 14.72 -3.44 7.75
C ALA A 22 16.01 -2.63 8.14
N ASP A 23 16.55 -2.90 9.33
CA ASP A 23 17.78 -2.24 9.77
C ASP A 23 19.00 -2.60 8.92
N VAL A 24 19.23 -3.90 8.68
CA VAL A 24 20.34 -4.33 7.84
C VAL A 24 20.24 -3.80 6.42
N SER A 25 19.05 -3.93 5.81
CA SER A 25 18.75 -3.39 4.48
C SER A 25 19.18 -1.94 4.31
N ARG A 26 18.75 -1.13 5.25
CA ARG A 26 18.94 0.31 5.24
C ARG A 26 20.44 0.59 5.39
N ALA A 27 21.07 -0.14 6.31
CA ALA A 27 22.49 0.05 6.55
C ALA A 27 23.25 -0.27 5.27
N LEU A 28 22.93 -1.37 4.60
CA LEU A 28 23.64 -1.78 3.37
C LEU A 28 23.45 -0.78 2.22
N ARG A 29 22.32 -0.13 2.18
CA ARG A 29 22.04 0.81 1.14
C ARG A 29 22.88 2.09 1.33
N LEU A 30 22.92 2.57 2.56
CA LEU A 30 23.78 3.68 2.93
C LEU A 30 25.28 3.37 2.80
N THR A 31 25.67 2.14 2.45
CA THR A 31 27.07 1.77 2.19
C THR A 31 27.32 1.51 0.71
N GLY A 32 26.34 1.87 -0.11
CA GLY A 32 26.49 1.73 -1.54
C GLY A 32 26.00 0.44 -2.16
N ARG A 33 25.72 -0.58 -1.34
CA ARG A 33 25.29 -1.86 -1.90
C ARG A 33 23.87 -1.67 -2.41
N ARG A 34 23.55 -2.38 -3.49
CA ARG A 34 22.22 -2.33 -4.09
C ARG A 34 21.33 -3.52 -3.72
N VAL A 35 20.22 -3.20 -3.06
CA VAL A 35 19.38 -4.21 -2.46
C VAL A 35 18.43 -4.87 -3.45
N MET A 36 18.69 -6.16 -3.67
CA MET A 36 17.79 -6.96 -4.51
C MET A 36 16.80 -7.77 -3.70
N LEU A 37 15.52 -7.80 -4.10
CA LEU A 37 14.52 -8.65 -3.38
C LEU A 37 13.83 -9.68 -4.26
N VAL A 38 13.82 -10.93 -3.79
CA VAL A 38 13.12 -12.04 -4.45
C VAL A 38 12.11 -12.65 -3.45
N PRO A 39 10.82 -12.23 -3.54
CA PRO A 39 9.77 -12.74 -2.68
C PRO A 39 9.42 -14.13 -3.13
N THR A 40 9.60 -15.07 -2.23
CA THR A 40 9.17 -16.45 -2.48
C THR A 40 8.27 -16.95 -1.34
N MET A 41 7.59 -18.06 -1.64
CA MET A 41 6.83 -18.86 -0.67
C MET A 41 7.56 -20.13 -0.24
N GLY A 42 8.88 -20.14 -0.41
CA GLY A 42 9.70 -21.35 -0.15
C GLY A 42 9.48 -22.47 -1.16
N ALA A 43 9.79 -23.70 -0.73
CA ALA A 43 9.88 -24.85 -1.65
C ALA A 43 10.64 -24.45 -2.93
N LEU A 44 11.82 -23.89 -2.78
CA LEU A 44 12.55 -23.43 -3.92
C LEU A 44 12.96 -24.57 -4.87
N HIS A 45 12.95 -24.25 -6.15
CA HIS A 45 13.34 -25.12 -7.22
C HIS A 45 14.09 -24.26 -8.21
N GLU A 46 14.60 -24.84 -9.28
CA GLU A 46 15.43 -24.09 -10.23
C GLU A 46 14.80 -22.79 -10.83
N GLY A 47 13.47 -22.73 -10.91
CA GLY A 47 12.75 -21.47 -11.26
C GLY A 47 12.96 -20.29 -10.28
N HIS A 48 13.01 -20.59 -8.97
CA HIS A 48 13.38 -19.57 -8.01
C HIS A 48 14.84 -19.16 -8.15
N LEU A 49 15.70 -20.16 -8.39
CA LEU A 49 17.17 -19.96 -8.59
C LEU A 49 17.53 -19.04 -9.78
N ALA A 50 16.77 -19.11 -10.87
CA ALA A 50 16.98 -18.18 -11.99
C ALA A 50 16.76 -16.72 -11.53
N LEU A 51 15.74 -16.52 -10.68
CA LEU A 51 15.43 -15.22 -10.02
C LEU A 51 16.59 -14.70 -9.14
N VAL A 52 17.15 -15.57 -8.28
CA VAL A 52 18.36 -15.23 -7.50
C VAL A 52 19.55 -14.84 -8.38
N ARG A 53 19.84 -15.63 -9.39
CA ARG A 53 20.90 -15.32 -10.31
C ARG A 53 20.83 -14.00 -11.07
N ALA A 54 19.65 -13.60 -11.50
CA ALA A 54 19.40 -12.31 -12.10
C ALA A 54 19.70 -11.19 -11.16
N ALA A 55 19.33 -11.36 -9.92
CA ALA A 55 19.58 -10.40 -8.92
C ALA A 55 21.04 -10.40 -8.58
N LYS A 56 21.66 -11.56 -8.57
CA LYS A 56 23.11 -11.74 -8.27
C LYS A 56 23.97 -10.99 -9.29
N ARG A 57 23.49 -10.92 -10.51
CA ARG A 57 24.31 -10.37 -11.55
C ARG A 57 24.20 -8.86 -11.71
N VAL A 58 23.31 -8.24 -10.91
CA VAL A 58 23.24 -6.78 -10.82
C VAL A 58 24.43 -6.26 -9.97
N PRO A 59 25.35 -5.46 -10.61
CA PRO A 59 26.60 -4.98 -10.00
C PRO A 59 26.42 -4.28 -8.64
N GLY A 60 27.08 -4.81 -7.60
CA GLY A 60 27.01 -4.25 -6.24
C GLY A 60 25.87 -4.79 -5.37
N SER A 61 25.15 -5.79 -5.91
CA SER A 61 23.95 -6.31 -5.33
C SER A 61 24.22 -6.96 -3.95
N VAL A 62 23.26 -6.80 -3.05
CA VAL A 62 23.13 -7.69 -1.92
C VAL A 62 21.71 -8.28 -2.09
N VAL A 63 21.59 -9.61 -2.09
CA VAL A 63 20.32 -10.30 -2.37
C VAL A 63 19.54 -10.67 -1.10
N VAL A 64 18.27 -10.25 -1.06
CA VAL A 64 17.30 -10.68 -0.05
C VAL A 64 16.31 -11.65 -0.69
N VAL A 65 16.25 -12.86 -0.16
CA VAL A 65 15.20 -13.77 -0.55
C VAL A 65 14.27 -13.83 0.63
N SER A 66 12.99 -13.58 0.42
CA SER A 66 12.06 -13.78 1.52
C SER A 66 11.31 -15.08 1.35
N ILE A 67 11.02 -15.73 2.47
CA ILE A 67 10.23 -16.98 2.47
C ILE A 67 9.03 -16.87 3.41
N PHE A 68 7.85 -16.73 2.85
CA PHE A 68 6.67 -16.52 3.66
C PHE A 68 5.49 -17.11 2.95
N VAL A 69 4.86 -18.10 3.58
CA VAL A 69 3.62 -18.67 3.03
C VAL A 69 2.54 -17.83 3.62
N ASN A 70 1.93 -17.04 2.76
CA ASN A 70 1.13 -15.93 3.22
C ASN A 70 -0.32 -16.36 3.39
N PRO A 71 -0.85 -16.45 4.64
CA PRO A 71 -2.19 -17.04 4.69
C PRO A 71 -3.31 -16.13 4.13
N MET A 72 -2.95 -14.95 3.59
CA MET A 72 -3.96 -14.03 3.04
C MET A 72 -4.32 -14.29 1.56
N GLN A 73 -3.40 -14.91 0.82
CA GLN A 73 -3.62 -15.19 -0.61
C GLN A 73 -4.29 -16.55 -0.90
N PHE A 74 -4.33 -17.38 0.15
CA PHE A 74 -5.07 -18.64 0.18
C PHE A 74 -6.49 -18.41 0.73
N GLY A 75 -7.42 -19.29 0.36
CA GLY A 75 -8.79 -19.25 0.86
C GLY A 75 -9.22 -20.63 1.31
N ALA A 76 -10.31 -20.69 2.09
CA ALA A 76 -10.84 -21.98 2.54
C ALA A 76 -11.14 -22.90 1.33
N GLY A 77 -11.15 -24.23 1.50
CA GLY A 77 -10.91 -24.93 2.76
C GLY A 77 -9.61 -24.62 3.49
N GLY A 78 -8.45 -24.95 2.93
CA GLY A 78 -8.28 -25.60 1.62
C GLY A 78 -6.80 -25.75 1.23
N ASP A 79 -6.28 -24.74 0.53
CA ASP A 79 -4.91 -24.78 -0.05
C ASP A 79 -3.75 -24.44 0.93
N LEU A 80 -4.06 -23.78 2.05
CA LEU A 80 -3.05 -23.28 3.01
C LEU A 80 -2.24 -24.38 3.76
N ASP A 81 -2.94 -25.32 4.40
CA ASP A 81 -2.31 -26.48 5.08
C ASP A 81 -1.53 -27.43 4.12
N ALA A 82 -1.93 -27.42 2.84
CA ALA A 82 -1.36 -28.27 1.77
C ALA A 82 -0.10 -27.73 1.02
N TYR A 83 0.21 -26.43 1.18
CA TYR A 83 1.40 -25.80 0.55
C TYR A 83 2.71 -26.50 0.95
N PRO A 84 3.59 -26.89 -0.04
CA PRO A 84 4.83 -27.62 0.36
C PRO A 84 5.79 -26.76 1.21
N ARG A 85 6.31 -27.31 2.28
CA ARG A 85 7.22 -26.56 3.12
C ARG A 85 8.59 -27.21 3.26
N THR A 86 9.66 -26.55 2.85
CA THR A 86 10.98 -27.17 2.95
C THR A 86 12.18 -26.24 3.29
N PRO A 87 12.08 -25.54 4.41
CA PRO A 87 13.05 -24.53 4.80
C PRO A 87 14.51 -24.98 4.90
N ASP A 88 14.74 -26.15 5.43
CA ASP A 88 16.05 -26.81 5.42
C ASP A 88 16.69 -26.69 4.04
N ASP A 89 16.14 -27.44 3.10
CA ASP A 89 16.49 -27.36 1.70
C ASP A 89 16.60 -25.89 1.24
N ASP A 90 15.52 -25.12 1.43
CA ASP A 90 15.48 -23.77 0.89
C ASP A 90 16.78 -23.02 1.26
N LEU A 91 17.05 -22.97 2.57
CA LEU A 91 18.22 -22.26 3.10
C LEU A 91 19.54 -22.76 2.52
N ALA A 92 19.71 -24.08 2.42
CA ALA A 92 20.87 -24.72 1.76
C ALA A 92 21.05 -24.26 0.33
N GLN A 93 19.99 -24.32 -0.48
CA GLN A 93 20.03 -23.79 -1.85
C GLN A 93 20.48 -22.35 -1.89
N LEU A 94 20.06 -21.58 -0.91
CA LEU A 94 20.43 -20.17 -0.84
C LEU A 94 21.91 -19.97 -0.48
N ARG A 95 22.43 -20.75 0.50
CA ARG A 95 23.88 -20.78 0.80
C ARG A 95 24.70 -21.12 -0.43
N ALA A 96 24.22 -22.14 -1.16
CA ALA A 96 24.83 -22.64 -2.38
C ALA A 96 24.78 -21.62 -3.52
N GLU A 97 23.87 -20.66 -3.42
CA GLU A 97 23.77 -19.62 -4.44
C GLU A 97 24.54 -18.38 -4.08
N GLY A 98 24.97 -18.30 -2.81
CA GLY A 98 25.76 -17.17 -2.31
C GLY A 98 24.88 -15.97 -2.01
N VAL A 99 23.66 -16.25 -1.56
CA VAL A 99 22.71 -15.24 -1.14
C VAL A 99 23.07 -14.88 0.30
N GLU A 100 23.01 -13.60 0.60
CA GLU A 100 23.45 -13.17 1.91
C GLU A 100 22.36 -12.95 2.94
N ILE A 101 21.14 -12.69 2.48
CA ILE A 101 20.03 -12.42 3.37
C ILE A 101 18.84 -13.32 3.05
N ALA A 102 18.35 -14.04 4.06
CA ALA A 102 17.05 -14.74 4.00
C ALA A 102 16.12 -14.09 5.05
N PHE A 103 14.93 -13.69 4.60
CA PHE A 103 13.97 -13.05 5.50
C PHE A 103 12.84 -14.03 5.69
N THR A 104 12.74 -14.62 6.87
CA THR A 104 11.67 -15.61 7.13
C THR A 104 10.80 -15.11 8.31
N PRO A 105 9.83 -14.19 8.07
CA PRO A 105 8.92 -13.73 9.14
C PRO A 105 7.86 -14.75 9.60
N THR A 106 7.38 -14.55 10.82
CA THR A 106 6.26 -15.27 11.37
C THR A 106 4.96 -14.60 10.89
N THR A 107 3.85 -15.36 10.86
CA THR A 107 2.51 -14.86 10.60
C THR A 107 2.14 -13.73 11.56
N ALA A 108 2.44 -13.94 12.84
CA ALA A 108 2.23 -12.94 13.88
C ALA A 108 2.95 -11.65 13.61
N ALA A 109 4.19 -11.72 13.12
CA ALA A 109 4.96 -10.49 12.91
C ALA A 109 4.42 -9.74 11.70
N MET A 110 3.89 -10.48 10.73
CA MET A 110 3.36 -9.86 9.48
C MET A 110 1.93 -9.35 9.64
N TYR A 111 1.16 -10.07 10.48
CA TYR A 111 -0.26 -9.83 10.69
C TYR A 111 -0.60 -9.72 12.16
N PRO A 112 0.07 -8.80 12.90
CA PRO A 112 -0.28 -8.55 14.31
C PRO A 112 -1.70 -8.02 14.52
N ASP A 113 -2.29 -7.38 13.51
CA ASP A 113 -3.63 -6.82 13.71
C ASP A 113 -4.62 -7.50 12.83
N GLY A 114 -4.21 -8.64 12.28
CA GLY A 114 -5.08 -9.46 11.48
C GLY A 114 -5.20 -8.83 10.12
N LEU A 115 -6.34 -9.03 9.48
CA LEU A 115 -6.61 -8.31 8.25
C LEU A 115 -7.32 -7.01 8.58
N ARG A 116 -6.54 -5.93 8.54
CA ARG A 116 -7.08 -4.59 8.77
C ARG A 116 -6.97 -3.65 7.54
N THR A 117 -5.91 -2.85 7.38
CA THR A 117 -5.61 -2.15 6.14
C THR A 117 -5.09 -3.15 5.11
N THR A 118 -5.71 -3.16 3.93
CA THR A 118 -5.28 -4.06 2.87
C THR A 118 -5.18 -3.34 1.52
N VAL A 119 -4.58 -4.04 0.58
CA VAL A 119 -4.55 -3.55 -0.78
C VAL A 119 -5.77 -4.07 -1.58
N GLN A 120 -6.43 -3.16 -2.25
CA GLN A 120 -7.55 -3.55 -3.09
C GLN A 120 -7.07 -3.48 -4.57
N PRO A 121 -6.87 -4.64 -5.26
CA PRO A 121 -6.40 -4.60 -6.66
C PRO A 121 -7.40 -3.94 -7.58
N GLY A 122 -6.97 -3.67 -8.83
CA GLY A 122 -7.84 -3.30 -9.95
C GLY A 122 -8.64 -4.52 -10.42
N PRO A 123 -9.58 -4.30 -11.36
CA PRO A 123 -10.53 -5.33 -11.86
C PRO A 123 -9.85 -6.56 -12.49
N LEU A 124 -8.61 -6.42 -12.97
CA LEU A 124 -7.82 -7.58 -13.40
C LEU A 124 -7.69 -8.68 -12.33
N ALA A 125 -7.78 -8.29 -11.05
CA ALA A 125 -7.72 -9.26 -9.95
C ALA A 125 -8.96 -10.18 -9.97
N ALA A 126 -10.09 -9.72 -10.54
CA ALA A 126 -11.33 -10.51 -10.64
C ALA A 126 -11.35 -11.53 -11.82
N GLU A 127 -10.34 -11.51 -12.68
CA GLU A 127 -10.35 -12.38 -13.84
C GLU A 127 -9.35 -13.50 -13.76
N LEU A 128 -9.48 -14.45 -14.68
CA LEU A 128 -8.52 -15.50 -14.85
C LEU A 128 -8.35 -16.27 -13.53
N GLU A 129 -7.21 -16.11 -12.88
CA GLU A 129 -6.95 -16.85 -11.67
C GLU A 129 -7.86 -16.36 -10.53
N GLY A 130 -8.31 -15.11 -10.61
CA GLY A 130 -9.10 -14.56 -9.55
C GLY A 130 -10.61 -14.79 -9.71
N GLY A 131 -10.98 -15.58 -10.72
CA GLY A 131 -12.37 -15.82 -11.03
C GLY A 131 -13.04 -16.65 -9.95
N PRO A 132 -12.49 -17.86 -9.69
CA PRO A 132 -12.88 -18.74 -8.58
C PRO A 132 -12.42 -18.24 -7.20
N ARG A 133 -11.30 -17.50 -7.17
CA ARG A 133 -10.63 -17.06 -5.94
C ARG A 133 -10.57 -15.52 -5.84
N PRO A 134 -11.70 -14.87 -5.70
CA PRO A 134 -11.75 -13.42 -5.82
C PRO A 134 -11.01 -12.58 -4.76
N THR A 135 -10.44 -13.19 -3.73
CA THR A 135 -9.65 -12.46 -2.78
C THR A 135 -8.17 -12.79 -2.88
N HIS A 136 -7.81 -13.68 -3.78
CA HIS A 136 -6.43 -14.09 -3.93
C HIS A 136 -5.40 -12.98 -4.22
N PHE A 137 -5.67 -12.11 -5.19
CA PHE A 137 -4.64 -11.06 -5.51
C PHE A 137 -4.48 -9.92 -4.48
N ALA A 138 -5.56 -9.61 -3.79
CA ALA A 138 -5.55 -8.67 -2.66
C ALA A 138 -4.58 -9.19 -1.57
N GLY A 139 -4.65 -10.48 -1.29
CA GLY A 139 -3.68 -11.10 -0.37
C GLY A 139 -2.25 -11.03 -0.85
N VAL A 140 -2.03 -11.40 -2.11
CA VAL A 140 -0.71 -11.28 -2.77
C VAL A 140 -0.13 -9.86 -2.77
N LEU A 141 -0.93 -8.86 -3.17
CA LEU A 141 -0.41 -7.48 -3.29
C LEU A 141 -0.18 -6.86 -1.92
N THR A 142 -0.97 -7.29 -0.95
CA THR A 142 -0.83 -6.78 0.44
C THR A 142 0.51 -7.22 0.99
N VAL A 143 0.84 -8.50 0.84
CA VAL A 143 2.07 -8.96 1.43
C VAL A 143 3.25 -8.44 0.59
N VAL A 144 3.09 -8.39 -0.74
CA VAL A 144 4.16 -7.83 -1.56
C VAL A 144 4.44 -6.35 -1.17
N LEU A 145 3.38 -5.55 -0.93
CA LEU A 145 3.61 -4.19 -0.49
C LEU A 145 4.36 -4.21 0.86
N LYS A 146 3.92 -5.05 1.79
CA LYS A 146 4.54 -4.99 3.12
C LYS A 146 6.03 -5.30 3.01
N LEU A 147 6.37 -6.25 2.14
CA LEU A 147 7.72 -6.74 1.91
C LEU A 147 8.63 -5.70 1.31
N LEU A 148 8.11 -4.94 0.35
CA LEU A 148 8.88 -3.84 -0.26
C LEU A 148 9.11 -2.70 0.72
N GLN A 149 8.18 -2.53 1.66
CA GLN A 149 8.25 -1.48 2.68
C GLN A 149 9.27 -1.87 3.71
N ILE A 150 9.20 -3.09 4.20
CA ILE A 150 10.21 -3.68 5.11
C ILE A 150 11.64 -3.64 4.58
N VAL A 151 11.87 -4.21 3.39
CA VAL A 151 13.19 -4.32 2.76
C VAL A 151 13.58 -3.09 1.86
N ARG A 152 12.63 -2.31 1.36
CA ARG A 152 12.95 -1.18 0.43
C ARG A 152 14.06 -1.49 -0.57
N PRO A 153 13.88 -2.53 -1.43
CA PRO A 153 14.89 -2.83 -2.43
C PRO A 153 14.90 -1.89 -3.63
N ASP A 154 16.02 -1.86 -4.34
CA ASP A 154 16.17 -1.14 -5.63
C ASP A 154 15.33 -1.85 -6.69
N ARG A 155 15.49 -3.16 -6.77
CA ARG A 155 14.72 -4.01 -7.67
C ARG A 155 14.09 -5.20 -6.96
N VAL A 156 13.01 -5.68 -7.55
CA VAL A 156 12.29 -6.84 -7.06
C VAL A 156 12.04 -7.81 -8.22
N PHE A 157 12.32 -9.08 -7.99
CA PHE A 157 12.20 -10.10 -9.04
C PHE A 157 10.98 -11.04 -8.94
N PHE A 158 10.33 -11.28 -10.08
CA PHE A 158 9.22 -12.24 -10.19
C PHE A 158 9.33 -13.07 -11.47
N GLY A 159 9.03 -14.37 -11.39
CA GLY A 159 8.95 -15.22 -12.59
C GLY A 159 7.76 -14.85 -13.48
N GLU A 160 7.89 -15.02 -14.81
CA GLU A 160 6.77 -14.85 -15.73
C GLU A 160 5.70 -15.98 -15.67
N LYS A 161 6.05 -17.08 -15.03
CA LYS A 161 5.13 -18.20 -14.88
C LYS A 161 3.80 -17.72 -14.30
N ASP A 162 3.88 -16.93 -13.24
CA ASP A 162 2.70 -16.32 -12.66
C ASP A 162 2.55 -14.93 -13.23
N TYR A 163 2.19 -14.93 -14.51
CA TYR A 163 2.16 -13.74 -15.35
C TYR A 163 1.16 -12.72 -14.87
N GLN A 164 -0.05 -13.18 -14.59
CA GLN A 164 -1.09 -12.34 -14.05
C GLN A 164 -0.63 -11.63 -12.79
N GLN A 165 -0.06 -12.39 -11.87
CA GLN A 165 0.60 -11.83 -10.68
C GLN A 165 1.64 -10.72 -11.02
N LEU A 166 2.60 -11.04 -11.89
CA LEU A 166 3.58 -10.05 -12.32
C LEU A 166 2.87 -8.78 -12.83
N VAL A 167 1.83 -8.94 -13.65
CA VAL A 167 1.16 -7.75 -14.21
C VAL A 167 0.58 -6.90 -13.09
N LEU A 168 -0.09 -7.55 -12.11
CA LEU A 168 -0.71 -6.83 -11.00
C LEU A 168 0.33 -6.19 -10.10
N ILE A 169 1.46 -6.85 -9.97
CA ILE A 169 2.54 -6.21 -9.26
C ILE A 169 3.06 -4.91 -9.94
N ARG A 170 3.13 -4.92 -11.26
CA ARG A 170 3.54 -3.73 -11.97
C ARG A 170 2.47 -2.65 -11.74
N GLN A 171 1.22 -3.08 -11.63
CA GLN A 171 0.10 -2.16 -11.28
C GLN A 171 0.25 -1.57 -9.90
N LEU A 172 0.49 -2.43 -8.89
CA LEU A 172 0.69 -1.96 -7.54
C LEU A 172 1.80 -0.90 -7.51
N VAL A 173 2.91 -1.23 -8.14
CA VAL A 173 4.09 -0.39 -8.13
C VAL A 173 3.85 0.97 -8.79
N ALA A 174 3.24 1.00 -9.99
CA ALA A 174 2.89 2.26 -10.68
C ALA A 174 1.88 3.06 -9.91
N ASP A 175 0.75 2.44 -9.61
CA ASP A 175 -0.40 3.04 -8.91
C ASP A 175 -0.04 3.67 -7.55
N PHE A 176 0.87 3.04 -6.80
CA PHE A 176 1.29 3.57 -5.50
C PHE A 176 2.60 4.32 -5.50
N ASN A 177 3.12 4.59 -6.70
CA ASN A 177 4.38 5.34 -6.87
C ASN A 177 5.57 4.72 -6.14
N LEU A 178 5.74 3.41 -6.20
CA LEU A 178 6.82 2.78 -5.42
C LEU A 178 8.16 2.92 -6.13
N ASP A 179 9.16 3.37 -5.40
CA ASP A 179 10.49 3.54 -5.99
C ASP A 179 11.22 2.22 -5.93
N VAL A 180 10.81 1.32 -6.80
CA VAL A 180 11.40 0.01 -7.00
C VAL A 180 11.19 -0.35 -8.45
N ALA A 181 12.16 -1.00 -9.04
CA ALA A 181 12.00 -1.54 -10.39
C ALA A 181 11.61 -3.03 -10.36
N VAL A 182 10.59 -3.34 -11.15
CA VAL A 182 10.10 -4.70 -11.22
C VAL A 182 10.72 -5.44 -12.42
N VAL A 183 11.46 -6.52 -12.08
CA VAL A 183 12.14 -7.35 -13.08
C VAL A 183 11.36 -8.65 -13.28
N GLY A 184 10.64 -8.77 -14.42
CA GLY A 184 10.09 -10.06 -14.89
C GLY A 184 11.18 -11.01 -15.40
N VAL A 185 11.19 -12.27 -14.97
CA VAL A 185 12.24 -13.24 -15.38
C VAL A 185 11.61 -14.46 -16.11
N PRO A 186 12.15 -14.82 -17.30
CA PRO A 186 11.48 -15.87 -18.08
C PRO A 186 11.32 -17.19 -17.33
N THR A 187 10.31 -17.96 -17.71
CA THR A 187 10.02 -19.24 -17.05
C THR A 187 11.12 -20.29 -17.29
N VAL A 188 11.49 -21.03 -16.24
CA VAL A 188 12.45 -22.14 -16.38
C VAL A 188 11.67 -23.41 -16.63
N ARG A 189 12.13 -24.19 -17.61
CA ARG A 189 11.37 -25.37 -18.02
C ARG A 189 12.19 -26.64 -17.86
N GLU A 190 11.50 -27.74 -17.66
CA GLU A 190 12.12 -29.01 -17.68
C GLU A 190 12.56 -29.22 -19.10
N ALA A 191 13.34 -30.25 -19.35
CA ALA A 191 13.88 -30.51 -20.67
C ALA A 191 12.84 -30.85 -21.71
N ASP A 192 11.67 -31.26 -21.27
CA ASP A 192 10.56 -31.41 -22.17
C ASP A 192 9.68 -30.19 -22.37
N GLY A 193 9.99 -29.09 -21.73
CA GLY A 193 9.10 -27.88 -21.77
C GLY A 193 8.18 -27.57 -20.58
N LEU A 194 7.88 -28.57 -19.73
CA LEU A 194 7.04 -28.34 -18.52
C LEU A 194 7.63 -27.20 -17.71
N ALA A 195 6.79 -26.17 -17.48
CA ALA A 195 7.08 -25.01 -16.64
C ALA A 195 7.32 -25.47 -15.22
N MET A 196 8.51 -25.20 -14.69
CA MET A 196 8.83 -25.62 -13.34
C MET A 196 7.95 -24.94 -12.30
N SER A 197 7.47 -25.74 -11.36
CA SER A 197 6.55 -25.29 -10.32
C SER A 197 6.68 -26.34 -9.23
N SER A 198 6.50 -25.92 -7.97
CA SER A 198 6.42 -26.82 -6.82
C SER A 198 5.07 -27.57 -6.76
N ARG A 199 4.04 -27.06 -7.43
CA ARG A 199 2.82 -27.87 -7.62
C ARG A 199 3.07 -29.14 -8.45
N ASN A 200 4.22 -29.22 -9.14
CA ASN A 200 4.55 -30.35 -10.00
C ASN A 200 4.82 -31.67 -9.25
N ARG A 201 5.39 -31.56 -8.04
CA ARG A 201 5.66 -32.76 -7.21
C ARG A 201 4.38 -33.58 -6.99
N TYR A 202 3.21 -32.91 -7.06
CA TYR A 202 1.89 -33.55 -6.92
C TYR A 202 1.36 -34.27 -8.17
N LEU A 203 2.21 -34.36 -9.21
CA LEU A 203 1.89 -35.17 -10.41
C LEU A 203 2.46 -36.58 -10.32
N ASP A 204 1.64 -37.59 -10.56
CA ASP A 204 2.17 -38.96 -10.71
C ASP A 204 2.73 -39.12 -12.11
N PRO A 205 3.53 -40.19 -12.33
CA PRO A 205 4.07 -40.64 -13.62
C PRO A 205 3.22 -40.38 -14.88
N ALA A 206 1.91 -40.64 -14.81
CA ALA A 206 0.98 -40.50 -15.94
C ALA A 206 0.67 -39.04 -16.24
N GLN A 207 0.07 -38.35 -15.26
CA GLN A 207 -0.12 -36.89 -15.26
C GLN A 207 1.17 -36.13 -15.55
N ARG A 208 2.28 -36.52 -14.95
CA ARG A 208 3.54 -35.91 -15.32
C ARG A 208 3.78 -36.05 -16.87
N ALA A 209 3.31 -37.16 -17.43
CA ALA A 209 3.52 -37.41 -18.83
C ALA A 209 2.56 -36.54 -19.64
N ALA A 210 1.32 -36.48 -19.19
CA ALA A 210 0.27 -35.70 -19.83
C ALA A 210 0.55 -34.18 -19.73
N ALA A 211 1.29 -33.79 -18.69
CA ALA A 211 1.50 -32.38 -18.31
C ALA A 211 2.25 -31.58 -19.37
N VAL A 212 3.05 -32.29 -20.15
CA VAL A 212 3.81 -31.69 -21.23
C VAL A 212 2.92 -30.96 -22.26
N ALA A 213 1.64 -31.35 -22.35
CA ALA A 213 0.65 -30.72 -23.25
C ALA A 213 0.45 -29.22 -23.14
N LEU A 214 0.72 -28.69 -21.96
CA LEU A 214 0.45 -27.26 -21.78
C LEU A 214 1.47 -26.47 -22.52
N SER A 215 2.75 -26.76 -22.27
CA SER A 215 3.84 -26.10 -22.97
C SER A 215 3.78 -26.39 -24.47
N ALA A 216 3.51 -27.62 -24.87
CA ALA A 216 3.44 -27.96 -26.29
C ALA A 216 2.36 -27.15 -27.04
N ALA A 217 1.18 -26.99 -26.43
CA ALA A 217 0.06 -26.24 -27.05
C ALA A 217 0.48 -24.80 -27.22
N LEU A 218 1.13 -24.29 -26.17
CA LEU A 218 1.48 -22.92 -26.12
C LEU A 218 2.50 -22.68 -27.18
N THR A 219 3.52 -23.55 -27.27
CA THR A 219 4.60 -23.33 -28.25
C THR A 219 4.09 -23.59 -29.67
N ALA A 220 3.13 -24.50 -29.80
CA ALA A 220 2.47 -24.74 -31.07
C ALA A 220 1.74 -23.45 -31.56
N ALA A 221 0.95 -22.88 -30.65
CA ALA A 221 0.27 -21.62 -30.84
C ALA A 221 1.26 -20.51 -31.20
N ALA A 222 2.39 -20.45 -30.53
CA ALA A 222 3.33 -19.36 -30.79
C ALA A 222 3.75 -19.40 -32.24
N HIS A 223 3.94 -20.58 -32.80
CA HIS A 223 4.35 -20.76 -34.19
C HIS A 223 3.28 -20.70 -35.28
N ALA A 224 2.11 -21.21 -34.98
CA ALA A 224 0.95 -21.11 -35.81
C ALA A 224 0.45 -19.67 -35.91
N ALA A 225 0.90 -18.83 -35.03
CA ALA A 225 0.45 -17.46 -34.99
C ALA A 225 0.70 -16.63 -36.24
N THR A 226 1.64 -16.99 -37.10
CA THR A 226 1.87 -16.24 -38.36
C THR A 226 0.60 -16.31 -39.23
N ALA A 227 -0.26 -17.29 -38.95
CA ALA A 227 -1.50 -17.49 -39.65
C ALA A 227 -2.62 -16.80 -38.90
N GLY A 228 -2.25 -16.08 -37.83
CA GLY A 228 -3.21 -15.26 -37.08
C GLY A 228 -3.67 -15.91 -35.80
N ALA A 229 -4.51 -15.18 -35.07
CA ALA A 229 -4.97 -15.56 -33.73
C ALA A 229 -5.91 -16.76 -33.66
N GLN A 230 -6.87 -16.90 -34.58
CA GLN A 230 -7.71 -18.10 -34.53
C GLN A 230 -6.85 -19.37 -34.74
N ALA A 231 -5.91 -19.29 -35.68
CA ALA A 231 -5.01 -20.39 -35.94
C ALA A 231 -4.15 -20.78 -34.67
N ALA A 232 -3.69 -19.79 -33.92
CA ALA A 232 -2.87 -20.06 -32.71
C ALA A 232 -3.69 -20.69 -31.61
N LEU A 233 -4.90 -20.18 -31.43
CA LEU A 233 -5.81 -20.70 -30.42
C LEU A 233 -6.30 -22.10 -30.74
N ASP A 234 -6.62 -22.33 -31.99
CA ASP A 234 -7.10 -23.62 -32.46
C ASP A 234 -5.99 -24.68 -32.40
N ALA A 235 -4.75 -24.30 -32.61
CA ALA A 235 -3.62 -25.19 -32.48
C ALA A 235 -3.32 -25.65 -31.05
N ALA A 236 -3.37 -24.73 -30.12
CA ALA A 236 -3.24 -25.03 -28.74
C ALA A 236 -4.42 -25.83 -28.24
N ARG A 237 -5.59 -25.49 -28.70
CA ARG A 237 -6.78 -26.18 -28.32
C ARG A 237 -6.69 -27.64 -28.70
N ALA A 238 -6.22 -27.90 -29.90
CA ALA A 238 -6.12 -29.22 -30.43
C ALA A 238 -5.14 -30.07 -29.68
N VAL A 239 -4.07 -29.46 -29.24
CA VAL A 239 -3.07 -30.18 -28.53
C VAL A 239 -3.64 -30.54 -27.18
N LEU A 240 -4.37 -29.63 -26.59
CA LEU A 240 -4.92 -29.93 -25.26
C LEU A 240 -5.99 -31.01 -25.31
N ASP A 241 -6.79 -30.99 -26.37
CA ASP A 241 -7.83 -32.02 -26.57
C ASP A 241 -7.27 -33.42 -26.81
N ALA A 242 -6.05 -33.50 -27.37
CA ALA A 242 -5.41 -34.78 -27.66
C ALA A 242 -4.72 -35.36 -26.45
N ALA A 243 -4.85 -34.69 -25.29
CA ALA A 243 -4.08 -35.04 -24.08
C ALA A 243 -4.97 -35.59 -22.98
N PRO A 244 -4.54 -36.72 -22.39
CA PRO A 244 -5.46 -37.53 -21.60
C PRO A 244 -5.73 -36.98 -20.20
N GLY A 245 -6.99 -36.69 -19.90
CA GLY A 245 -7.33 -36.16 -18.56
C GLY A 245 -6.37 -35.01 -18.22
N VAL A 246 -6.35 -34.07 -19.14
CA VAL A 246 -5.98 -32.72 -18.87
C VAL A 246 -7.32 -32.01 -18.93
N ALA A 247 -7.73 -31.35 -17.84
CA ALA A 247 -9.00 -30.63 -17.91
C ALA A 247 -8.79 -29.12 -17.93
N VAL A 248 -9.16 -28.51 -19.04
CA VAL A 248 -8.81 -27.13 -19.26
C VAL A 248 -9.70 -26.20 -18.46
N ASP A 249 -9.09 -25.43 -17.57
CA ASP A 249 -9.73 -24.33 -16.86
C ASP A 249 -9.91 -23.12 -17.78
N TYR A 250 -8.83 -22.56 -18.30
CA TYR A 250 -9.01 -21.55 -19.33
C TYR A 250 -7.88 -21.59 -20.33
N LEU A 251 -8.10 -20.93 -21.46
CA LEU A 251 -7.07 -20.81 -22.46
C LEU A 251 -7.34 -19.49 -23.20
N GLU A 252 -6.53 -18.49 -22.88
CA GLU A 252 -6.87 -17.14 -23.26
C GLU A 252 -5.73 -16.40 -23.89
N LEU A 253 -6.06 -15.64 -24.93
CA LEU A 253 -5.10 -14.83 -25.66
C LEU A 253 -5.34 -13.37 -25.32
N ARG A 254 -4.35 -12.72 -24.73
CA ARG A 254 -4.56 -11.37 -24.30
C ARG A 254 -3.49 -10.44 -24.79
N ASP A 255 -3.79 -9.16 -24.66
CA ASP A 255 -2.76 -8.17 -24.70
C ASP A 255 -1.69 -8.46 -23.58
N ILE A 256 -0.46 -7.97 -23.76
CA ILE A 256 0.55 -8.26 -22.79
C ILE A 256 0.35 -7.63 -21.39
N GLY A 257 -0.55 -6.66 -21.31
CA GLY A 257 -0.88 -5.99 -20.08
C GLY A 257 -2.12 -6.62 -19.55
N LEU A 258 -2.62 -7.56 -20.32
CA LEU A 258 -3.67 -8.47 -19.95
C LEU A 258 -5.07 -7.87 -20.10
N GLY A 259 -5.19 -6.89 -20.97
CA GLY A 259 -6.47 -6.33 -21.37
C GLY A 259 -7.26 -7.12 -22.39
N ASN A 264 -4.14 -8.07 -32.32
CA ASN A 264 -3.00 -8.50 -33.14
C ASN A 264 -1.69 -7.89 -32.66
N GLY A 265 -0.61 -8.26 -33.32
CA GLY A 265 0.69 -7.77 -32.90
C GLY A 265 1.15 -8.65 -31.77
N SER A 266 1.42 -8.05 -30.62
CA SER A 266 2.06 -8.76 -29.52
C SER A 266 1.13 -8.98 -28.35
N GLY A 267 1.07 -10.23 -27.91
CA GLY A 267 0.14 -10.65 -26.89
C GLY A 267 0.73 -11.71 -25.97
N ARG A 268 -0.12 -12.30 -25.16
CA ARG A 268 0.34 -13.31 -24.26
C ARG A 268 -0.78 -14.30 -24.29
N LEU A 269 -0.41 -15.57 -24.46
CA LEU A 269 -1.31 -16.72 -24.38
C LEU A 269 -1.22 -17.44 -23.04
N LEU A 270 -2.36 -17.65 -22.39
CA LEU A 270 -2.35 -18.15 -21.02
C LEU A 270 -3.25 -19.33 -20.90
N VAL A 271 -2.78 -20.32 -20.18
CA VAL A 271 -3.47 -21.56 -19.95
C VAL A 271 -3.45 -21.93 -18.44
N ALA A 272 -4.59 -22.46 -17.97
CA ALA A 272 -4.72 -23.08 -16.67
C ALA A 272 -5.50 -24.34 -16.89
N ALA A 273 -5.03 -25.45 -16.33
CA ALA A 273 -5.64 -26.78 -16.47
C ALA A 273 -5.41 -27.63 -15.20
N ARG A 274 -6.30 -28.59 -14.94
CA ARG A 274 -6.18 -29.55 -13.83
C ARG A 274 -5.67 -30.91 -14.33
N LEU A 275 -4.86 -31.58 -13.52
CA LEU A 275 -4.45 -32.97 -13.77
C LEU A 275 -4.63 -33.73 -12.45
N GLY A 276 -5.72 -34.49 -12.36
CA GLY A 276 -6.23 -34.93 -11.09
C GLY A 276 -6.74 -33.71 -10.34
N THR A 277 -6.20 -33.48 -9.16
CA THR A 277 -6.55 -32.33 -8.32
C THR A 277 -5.58 -31.16 -8.52
N THR A 278 -4.50 -31.45 -9.26
CA THR A 278 -3.34 -30.58 -9.45
C THR A 278 -3.51 -29.56 -10.58
N ARG A 279 -3.63 -28.30 -10.19
CA ARG A 279 -3.89 -27.25 -11.10
C ARG A 279 -2.57 -26.70 -11.60
N LEU A 280 -2.39 -26.69 -12.92
CA LEU A 280 -1.19 -26.07 -13.52
C LEU A 280 -1.48 -24.83 -14.37
N LEU A 281 -0.52 -23.91 -14.37
CA LEU A 281 -0.56 -22.68 -15.16
C LEU A 281 0.63 -22.67 -16.07
N ASP A 282 0.44 -22.05 -17.22
CA ASP A 282 1.59 -21.74 -18.08
C ASP A 282 1.18 -20.58 -18.98
N ASN A 283 2.16 -19.87 -19.53
CA ASN A 283 1.90 -18.83 -20.53
C ASN A 283 3.09 -18.65 -21.46
N ILE A 284 2.85 -17.94 -22.54
CA ILE A 284 3.90 -17.71 -23.48
C ILE A 284 3.56 -16.37 -24.16
N ALA A 285 4.61 -15.68 -24.64
CA ALA A 285 4.50 -14.55 -25.57
C ALA A 285 4.01 -15.00 -26.93
N ILE A 286 3.24 -14.16 -27.60
CA ILE A 286 2.65 -14.51 -28.91
C ILE A 286 2.80 -13.28 -29.79
N GLU A 287 3.31 -13.47 -31.01
CA GLU A 287 3.37 -12.39 -32.03
C GLU A 287 2.47 -12.76 -33.17
N ILE A 288 1.44 -11.97 -33.35
CA ILE A 288 0.47 -12.22 -34.38
C ILE A 288 0.95 -11.63 -35.69
N GLY A 289 1.12 -12.48 -36.69
CA GLY A 289 1.66 -12.05 -37.95
C GLY A 289 3.17 -12.14 -38.03
N THR A 290 3.80 -12.48 -36.92
CA THR A 290 5.25 -12.67 -36.82
C THR A 290 5.52 -14.10 -36.40
N ALA B 3 20.37 13.84 -13.14
CA ALA B 3 20.16 15.23 -13.66
C ALA B 3 19.01 15.94 -12.92
N ILE B 4 19.16 16.04 -11.59
CA ILE B 4 18.16 16.56 -10.64
C ILE B 4 17.56 17.94 -11.02
N PRO B 5 16.23 18.10 -10.81
CA PRO B 5 15.64 19.44 -10.99
C PRO B 5 16.28 20.49 -10.07
N ALA B 6 16.22 21.74 -10.51
CA ALA B 6 16.77 22.88 -9.78
C ALA B 6 16.07 23.12 -8.42
N PHE B 7 16.89 23.21 -7.38
CA PHE B 7 16.42 23.52 -6.02
C PHE B 7 17.22 24.67 -5.43
N HIS B 8 16.53 25.79 -5.13
CA HIS B 8 17.16 26.93 -4.46
C HIS B 8 16.79 27.00 -2.98
N PRO B 9 17.77 26.76 -2.08
CA PRO B 9 17.59 26.77 -0.62
C PRO B 9 17.06 28.11 -0.11
N GLY B 10 16.51 28.12 1.09
CA GLY B 10 15.85 29.33 1.62
C GLY B 10 14.73 29.94 0.77
N GLU B 11 14.32 29.26 -0.30
CA GLU B 11 13.27 29.78 -1.19
C GLU B 11 12.13 28.79 -1.36
N LEU B 12 10.98 29.29 -1.83
CA LEU B 12 9.89 28.38 -2.17
C LEU B 12 10.09 27.84 -3.56
N ASN B 13 10.37 26.53 -3.66
CA ASN B 13 10.44 25.79 -4.93
C ASN B 13 9.15 25.00 -5.16
N VAL B 14 8.52 25.22 -6.31
CA VAL B 14 7.31 24.52 -6.64
C VAL B 14 7.54 23.47 -7.72
N TYR B 15 6.98 22.28 -7.50
CA TYR B 15 7.05 21.17 -8.45
C TYR B 15 5.65 20.58 -8.55
N SER B 16 5.28 20.25 -9.79
CA SER B 16 4.02 19.58 -10.11
C SER B 16 4.24 18.16 -10.59
N ALA B 17 5.48 17.87 -10.98
CA ALA B 17 5.84 16.53 -11.40
C ALA B 17 6.21 15.70 -10.16
N PRO B 18 5.49 14.58 -9.94
CA PRO B 18 5.87 13.66 -8.87
C PRO B 18 7.36 13.29 -8.90
N GLY B 19 7.87 12.95 -10.08
CA GLY B 19 9.24 12.48 -10.22
C GLY B 19 10.26 13.53 -9.87
N ASP B 20 9.88 14.81 -10.01
CA ASP B 20 10.74 15.94 -9.69
C ASP B 20 10.87 16.14 -8.19
N VAL B 21 9.73 16.18 -7.53
CA VAL B 21 9.72 16.30 -6.09
C VAL B 21 10.39 15.04 -5.43
N ALA B 22 10.23 13.88 -6.06
CA ALA B 22 10.87 12.64 -5.57
C ALA B 22 12.36 12.77 -5.65
N ASP B 23 12.86 13.36 -6.77
CA ASP B 23 14.32 13.55 -7.02
C ASP B 23 14.92 14.55 -6.08
N VAL B 24 14.25 15.70 -5.94
CA VAL B 24 14.73 16.71 -5.01
C VAL B 24 14.79 16.09 -3.59
N SER B 25 13.67 15.53 -3.13
CA SER B 25 13.59 15.03 -1.76
C SER B 25 14.74 14.04 -1.47
N ARG B 26 14.95 13.07 -2.37
CA ARG B 26 16.01 12.04 -2.23
C ARG B 26 17.40 12.65 -2.14
N ALA B 27 17.70 13.59 -3.04
CA ALA B 27 18.96 14.35 -3.05
C ALA B 27 19.17 15.18 -1.79
N LEU B 28 18.09 15.75 -1.26
CA LEU B 28 18.17 16.56 -0.02
C LEU B 28 18.50 15.75 1.24
N ARG B 29 17.86 14.58 1.38
CA ARG B 29 18.16 13.65 2.48
C ARG B 29 19.61 13.14 2.51
N LEU B 30 20.18 12.80 1.35
CA LEU B 30 21.61 12.44 1.23
C LEU B 30 22.53 13.54 1.78
N THR B 31 22.15 14.81 1.58
CA THR B 31 22.90 15.93 2.12
C THR B 31 22.53 16.29 3.59
N GLY B 32 21.89 15.36 4.28
CA GLY B 32 21.53 15.57 5.68
C GLY B 32 20.47 16.61 6.02
N ARG B 33 19.41 16.73 5.21
CA ARG B 33 18.24 17.45 5.64
C ARG B 33 17.29 16.36 6.03
N ARG B 34 16.37 16.64 6.95
CA ARG B 34 15.27 15.73 7.29
C ARG B 34 13.99 16.24 6.62
N VAL B 35 13.45 15.47 5.68
CA VAL B 35 12.22 15.79 4.95
C VAL B 35 10.90 15.58 5.76
N MET B 36 10.15 16.67 5.90
CA MET B 36 8.89 16.72 6.65
C MET B 36 7.83 16.99 5.62
N LEU B 37 6.79 16.15 5.62
CA LEU B 37 5.65 16.30 4.75
C LEU B 37 4.39 16.77 5.47
N VAL B 38 3.82 17.84 4.90
CA VAL B 38 2.52 18.38 5.30
C VAL B 38 1.52 18.34 4.14
N PRO B 39 0.74 17.25 4.06
CA PRO B 39 -0.25 17.09 2.99
C PRO B 39 -1.41 18.06 3.18
N THR B 40 -1.69 18.92 2.21
CA THR B 40 -2.89 19.74 2.33
C THR B 40 -3.75 19.65 1.09
N MET B 41 -4.94 20.21 1.20
CA MET B 41 -5.89 20.26 0.13
C MET B 41 -6.13 21.71 -0.27
N GLY B 42 -5.14 22.56 0.01
CA GLY B 42 -5.18 23.98 -0.37
C GLY B 42 -6.05 24.82 0.53
N ALA B 43 -6.28 26.09 0.14
CA ALA B 43 -7.08 27.03 0.94
C ALA B 43 -6.58 27.03 2.40
N LEU B 44 -5.29 27.35 2.54
CA LEU B 44 -4.65 27.22 3.84
C LEU B 44 -5.14 28.27 4.79
N HIS B 45 -5.42 27.84 6.01
CA HIS B 45 -5.68 28.76 7.10
C HIS B 45 -4.68 28.45 8.24
N GLU B 46 -4.88 29.08 9.38
CA GLU B 46 -3.90 29.03 10.46
C GLU B 46 -3.64 27.59 10.92
N GLY B 47 -4.74 26.82 10.90
CA GLY B 47 -4.71 25.37 11.20
C GLY B 47 -3.66 24.62 10.41
N HIS B 48 -3.54 24.89 9.11
CA HIS B 48 -2.47 24.36 8.26
C HIS B 48 -1.06 24.89 8.66
N LEU B 49 -0.97 26.21 8.84
CA LEU B 49 0.22 26.87 9.35
C LEU B 49 0.76 26.28 10.67
N ALA B 50 -0.12 25.87 11.59
CA ALA B 50 0.39 25.21 12.82
C ALA B 50 1.11 23.90 12.50
N LEU B 51 0.69 23.23 11.43
CA LEU B 51 1.31 21.98 10.95
C LEU B 51 2.68 22.27 10.37
N VAL B 52 2.72 23.21 9.45
CA VAL B 52 3.97 23.78 8.91
C VAL B 52 5.00 24.22 10.00
N ARG B 53 4.52 24.85 11.08
CA ARG B 53 5.39 25.33 12.14
C ARG B 53 6.02 24.21 12.93
N ALA B 54 5.23 23.18 13.20
CA ALA B 54 5.71 21.94 13.85
C ALA B 54 6.78 21.27 13.00
N ALA B 55 6.53 21.17 11.71
CA ALA B 55 7.51 20.61 10.81
C ALA B 55 8.81 21.44 10.72
N LYS B 56 8.71 22.76 10.77
CA LYS B 56 9.92 23.60 10.83
C LYS B 56 10.69 23.40 12.12
N ARG B 57 10.00 23.14 13.21
CA ARG B 57 10.69 22.94 14.48
C ARG B 57 11.84 21.92 14.40
N VAL B 58 11.66 20.84 13.65
CA VAL B 58 12.64 19.77 13.58
C VAL B 58 14.02 20.22 13.05
N PRO B 59 15.08 20.05 13.88
CA PRO B 59 16.47 20.32 13.47
C PRO B 59 16.83 19.66 12.15
N GLY B 60 17.09 20.48 11.13
CA GLY B 60 17.51 19.93 9.86
C GLY B 60 16.41 19.85 8.82
N SER B 61 15.20 20.23 9.19
CA SER B 61 14.04 20.07 8.31
C SER B 61 14.13 20.80 6.98
N VAL B 62 13.58 20.19 5.97
CA VAL B 62 13.10 20.87 4.81
C VAL B 62 11.63 20.52 4.73
N VAL B 63 10.81 21.54 4.58
CA VAL B 63 9.38 21.34 4.57
C VAL B 63 8.81 21.22 3.18
N VAL B 64 8.09 20.12 2.99
CA VAL B 64 7.30 19.84 1.85
C VAL B 64 5.86 19.88 2.21
N VAL B 65 5.16 20.76 1.52
CA VAL B 65 3.72 20.91 1.66
C VAL B 65 3.09 20.48 0.36
N SER B 66 2.33 19.40 0.37
CA SER B 66 1.64 19.03 -0.85
C SER B 66 0.33 19.81 -0.84
N ILE B 67 -0.16 20.20 -2.00
CA ILE B 67 -1.53 20.69 -2.10
C ILE B 67 -2.19 20.02 -3.26
N PHE B 68 -3.26 19.28 -2.95
CA PHE B 68 -3.92 18.46 -3.93
C PHE B 68 -5.38 18.13 -3.51
N VAL B 69 -6.33 18.43 -4.40
CA VAL B 69 -7.72 18.12 -4.14
C VAL B 69 -8.07 16.77 -4.71
N ASN B 70 -8.45 15.88 -3.79
CA ASN B 70 -8.65 14.47 -4.09
C ASN B 70 -10.06 14.18 -4.61
N PRO B 71 -10.18 13.79 -5.91
CA PRO B 71 -11.49 13.39 -6.48
C PRO B 71 -11.84 11.91 -6.30
N THR B 86 -7.47 29.87 -4.18
CA THR B 86 -6.34 30.35 -3.37
C THR B 86 -4.92 30.06 -3.91
N PRO B 87 -4.78 29.50 -5.15
CA PRO B 87 -3.46 29.07 -5.67
C PRO B 87 -2.24 29.96 -5.31
N ASP B 88 -2.29 31.24 -5.67
CA ASP B 88 -1.20 32.19 -5.37
C ASP B 88 -1.17 32.66 -3.92
N ASP B 89 -2.33 32.64 -3.27
CA ASP B 89 -2.48 33.01 -1.87
C ASP B 89 -1.84 31.93 -0.96
N ASP B 90 -2.15 30.68 -1.25
CA ASP B 90 -1.55 29.55 -0.54
C ASP B 90 -0.02 29.56 -0.57
N LEU B 91 0.57 29.71 -1.78
CA LEU B 91 2.05 29.80 -1.96
C LEU B 91 2.68 31.00 -1.23
N ALA B 92 1.97 32.13 -1.28
CA ALA B 92 2.35 33.34 -0.56
C ALA B 92 2.46 33.12 0.97
N GLN B 93 1.54 32.31 1.52
CA GLN B 93 1.60 31.89 2.94
C GLN B 93 2.77 30.94 3.20
N LEU B 94 3.08 30.11 2.22
CA LEU B 94 4.15 29.13 2.37
C LEU B 94 5.49 29.84 2.32
N ARG B 95 5.68 30.68 1.31
CA ARG B 95 6.82 31.61 1.22
C ARG B 95 6.91 32.40 2.55
N ALA B 96 5.79 32.99 2.98
CA ALA B 96 5.69 33.66 4.28
C ALA B 96 6.00 32.78 5.52
N GLU B 97 5.90 31.45 5.42
CA GLU B 97 6.29 30.61 6.55
C GLU B 97 7.70 30.09 6.39
N GLY B 98 8.27 30.36 5.22
CA GLY B 98 9.66 29.98 4.96
C GLY B 98 9.80 28.55 4.48
N VAL B 99 8.69 27.99 3.98
CA VAL B 99 8.62 26.68 3.36
C VAL B 99 9.43 26.67 2.05
N GLU B 100 10.11 25.54 1.78
CA GLU B 100 11.05 25.44 0.69
C GLU B 100 10.59 24.56 -0.44
N ILE B 101 9.59 23.73 -0.19
CA ILE B 101 8.95 22.95 -1.25
C ILE B 101 7.43 22.85 -1.12
N ALA B 102 6.76 23.26 -2.19
CA ALA B 102 5.35 22.94 -2.47
C ALA B 102 5.24 21.92 -3.59
N PHE B 103 4.29 21.00 -3.46
CA PHE B 103 4.06 19.92 -4.39
C PHE B 103 2.63 20.06 -4.86
N THR B 104 2.46 20.54 -6.09
CA THR B 104 1.16 20.95 -6.59
C THR B 104 0.80 20.22 -7.88
N PRO B 105 0.57 18.91 -7.78
CA PRO B 105 0.39 18.07 -8.96
C PRO B 105 -1.02 18.14 -9.53
N THR B 106 -1.17 17.73 -10.79
CA THR B 106 -2.49 17.59 -11.43
C THR B 106 -3.23 16.28 -11.09
N THR B 107 -4.52 16.19 -11.40
CA THR B 107 -5.25 14.95 -11.15
C THR B 107 -4.64 13.83 -12.04
N ALA B 108 -4.34 14.15 -13.30
CA ALA B 108 -3.74 13.20 -14.25
C ALA B 108 -2.32 12.73 -13.85
N ALA B 109 -1.60 13.60 -13.16
CA ALA B 109 -0.27 13.26 -12.70
C ALA B 109 -0.36 12.23 -11.56
N MET B 110 -1.36 12.39 -10.70
CA MET B 110 -1.53 11.52 -9.55
C MET B 110 -2.27 10.26 -9.93
N TYR B 111 -3.21 10.38 -10.88
CA TYR B 111 -3.98 9.24 -11.32
C TYR B 111 -3.82 8.92 -12.84
N PRO B 112 -2.57 8.73 -13.34
CA PRO B 112 -2.43 8.58 -14.81
C PRO B 112 -3.15 7.36 -15.38
N ASP B 113 -3.50 6.41 -14.53
CA ASP B 113 -4.13 5.19 -14.96
C ASP B 113 -5.54 5.04 -14.37
N GLY B 114 -6.15 6.16 -13.97
CA GLY B 114 -7.45 6.14 -13.26
C GLY B 114 -7.33 5.55 -11.88
N LEU B 115 -8.47 5.19 -11.30
CA LEU B 115 -8.50 4.44 -10.05
C LEU B 115 -8.39 2.96 -10.35
N ARG B 116 -7.23 2.40 -10.01
CA ARG B 116 -6.99 1.01 -10.29
C ARG B 116 -6.72 0.33 -8.94
N THR B 117 -5.46 0.23 -8.52
CA THR B 117 -5.14 -0.30 -7.19
C THR B 117 -5.44 0.76 -6.15
N THR B 118 -6.14 0.35 -5.10
CA THR B 118 -6.40 1.27 -4.02
C THR B 118 -6.13 0.62 -2.66
N VAL B 119 -6.14 1.47 -1.62
CA VAL B 119 -6.12 1.05 -0.25
C VAL B 119 -7.55 0.77 0.21
N GLN B 120 -7.72 -0.42 0.77
CA GLN B 120 -8.89 -0.82 1.54
C GLN B 120 -8.63 -0.63 3.08
N PRO B 121 -9.26 0.38 3.70
CA PRO B 121 -9.10 0.60 5.13
C PRO B 121 -9.68 -0.52 5.97
N GLY B 122 -9.30 -0.64 7.24
CA GLY B 122 -10.01 -1.56 8.16
C GLY B 122 -11.42 -1.03 8.46
N PRO B 123 -12.23 -1.78 9.21
CA PRO B 123 -13.63 -1.52 9.67
C PRO B 123 -13.95 -0.15 10.25
N LEU B 124 -12.95 0.48 10.87
CA LEU B 124 -13.09 1.82 11.41
C LEU B 124 -13.47 2.88 10.38
N ALA B 125 -13.11 2.64 9.11
CA ALA B 125 -13.48 3.51 8.02
C ALA B 125 -15.01 3.49 7.77
N ALA B 126 -15.75 2.53 8.33
CA ALA B 126 -17.20 2.44 8.12
C ALA B 126 -17.99 3.16 9.22
N GLU B 127 -17.32 3.47 10.31
CA GLU B 127 -17.97 4.15 11.42
C GLU B 127 -17.84 5.65 11.37
N LEU B 128 -18.60 6.32 12.21
CA LEU B 128 -18.52 7.74 12.37
C LEU B 128 -18.69 8.56 11.12
N GLU B 129 -17.58 8.95 10.52
CA GLU B 129 -17.55 9.80 9.37
C GLU B 129 -17.89 9.25 7.98
N GLY B 130 -17.56 8.04 7.61
CA GLY B 130 -18.00 6.78 8.10
C GLY B 130 -19.27 6.32 7.45
N GLY B 131 -20.37 6.45 8.15
CA GLY B 131 -21.70 6.28 7.61
C GLY B 131 -22.22 7.27 6.57
N PRO B 132 -22.13 8.59 6.82
CA PRO B 132 -22.48 9.44 5.67
C PRO B 132 -21.60 9.17 4.41
N ARG B 133 -20.26 9.10 4.54
CA ARG B 133 -19.37 8.91 3.36
C ARG B 133 -18.54 7.59 3.33
N PRO B 134 -19.16 6.45 2.92
CA PRO B 134 -18.62 5.07 3.01
C PRO B 134 -17.25 4.80 2.32
N THR B 135 -16.83 5.68 1.43
CA THR B 135 -15.63 5.43 0.64
C THR B 135 -14.63 6.57 0.84
N HIS B 136 -14.97 7.54 1.69
CA HIS B 136 -14.12 8.73 1.91
C HIS B 136 -12.66 8.36 2.31
N PHE B 137 -12.53 7.42 3.25
CA PHE B 137 -11.24 7.20 3.84
C PHE B 137 -10.34 6.35 2.97
N ALA B 138 -10.95 5.47 2.16
CA ALA B 138 -10.25 4.74 1.07
C ALA B 138 -9.55 5.72 0.18
N GLY B 139 -10.27 6.77 -0.23
CA GLY B 139 -9.68 7.84 -1.04
C GLY B 139 -8.53 8.51 -0.28
N VAL B 140 -8.80 8.87 0.97
CA VAL B 140 -7.80 9.52 1.80
C VAL B 140 -6.53 8.66 1.96
N LEU B 141 -6.66 7.44 2.46
CA LEU B 141 -5.49 6.57 2.60
C LEU B 141 -4.72 6.31 1.28
N THR B 142 -5.40 6.21 0.18
CA THR B 142 -4.75 5.98 -1.06
C THR B 142 -3.88 7.14 -1.45
N VAL B 143 -4.34 8.33 -1.28
CA VAL B 143 -3.62 9.48 -1.71
C VAL B 143 -2.46 9.73 -0.78
N VAL B 144 -2.69 9.50 0.48
CA VAL B 144 -1.64 9.59 1.48
C VAL B 144 -0.57 8.57 1.30
N LEU B 145 -0.91 7.32 1.01
CA LEU B 145 0.11 6.31 0.65
C LEU B 145 1.04 6.81 -0.47
N LYS B 146 0.45 7.42 -1.50
CA LYS B 146 1.14 7.85 -2.71
C LYS B 146 2.06 9.00 -2.41
N LEU B 147 1.59 9.93 -1.57
CA LEU B 147 2.41 11.11 -1.24
C LEU B 147 3.59 10.61 -0.48
N LEU B 148 3.35 9.64 0.42
CA LEU B 148 4.46 9.06 1.20
C LEU B 148 5.52 8.41 0.31
N GLN B 149 5.06 7.83 -0.78
CA GLN B 149 5.94 7.08 -1.66
C GLN B 149 6.73 8.00 -2.55
N ILE B 150 6.05 8.99 -3.13
CA ILE B 150 6.66 10.08 -3.84
C ILE B 150 7.71 10.85 -3.02
N VAL B 151 7.32 11.39 -1.86
CA VAL B 151 8.19 12.30 -1.08
C VAL B 151 9.14 11.56 -0.15
N ARG B 152 8.73 10.39 0.35
CA ARG B 152 9.46 9.64 1.35
C ARG B 152 9.99 10.56 2.45
N PRO B 153 9.06 11.13 3.26
CA PRO B 153 9.54 11.98 4.33
C PRO B 153 9.96 11.15 5.55
N ASP B 154 10.75 11.74 6.45
CA ASP B 154 10.97 11.20 7.79
C ASP B 154 9.71 11.34 8.66
N ARG B 155 8.99 12.43 8.47
CA ARG B 155 7.81 12.69 9.27
C ARG B 155 6.69 13.30 8.46
N VAL B 156 5.47 12.95 8.86
CA VAL B 156 4.28 13.41 8.23
C VAL B 156 3.35 13.97 9.30
N PHE B 157 2.79 15.13 8.99
CA PHE B 157 2.01 15.98 9.92
C PHE B 157 0.51 16.06 9.59
N PHE B 158 -0.31 15.72 10.59
CA PHE B 158 -1.78 15.77 10.41
C PHE B 158 -2.41 16.44 11.59
N GLY B 159 -3.45 17.22 11.33
CA GLY B 159 -4.16 17.88 12.38
C GLY B 159 -5.08 16.89 13.08
N GLU B 160 -5.30 17.13 14.36
CA GLU B 160 -6.15 16.32 15.21
C GLU B 160 -7.60 16.65 15.03
N LYS B 161 -7.89 17.85 14.51
CA LYS B 161 -9.23 18.20 14.07
C LYS B 161 -9.93 17.03 13.37
N ASP B 162 -9.25 16.48 12.35
CA ASP B 162 -9.71 15.25 11.69
C ASP B 162 -9.08 14.04 12.33
N TYR B 163 -9.60 13.70 13.50
CA TYR B 163 -9.00 12.69 14.35
C TYR B 163 -9.17 11.21 13.90
N GLN B 164 -10.37 10.84 13.48
CA GLN B 164 -10.60 9.55 12.82
C GLN B 164 -9.64 9.37 11.63
N GLN B 165 -9.52 10.40 10.82
CA GLN B 165 -8.53 10.36 9.79
C GLN B 165 -7.09 10.03 10.29
N LEU B 166 -6.56 10.78 11.27
CA LEU B 166 -5.25 10.52 11.86
C LEU B 166 -5.07 9.07 12.37
N VAL B 167 -6.10 8.58 13.04
CA VAL B 167 -6.08 7.21 13.58
C VAL B 167 -5.92 6.20 12.44
N LEU B 168 -6.70 6.39 11.37
CA LEU B 168 -6.65 5.51 10.21
C LEU B 168 -5.33 5.57 9.43
N ILE B 169 -4.74 6.75 9.32
CA ILE B 169 -3.38 6.93 8.79
C ILE B 169 -2.30 6.20 9.64
N ARG B 170 -2.42 6.28 10.96
CA ARG B 170 -1.51 5.55 11.84
C ARG B 170 -1.63 4.06 11.62
N GLN B 171 -2.86 3.59 11.38
CA GLN B 171 -3.13 2.19 11.00
C GLN B 171 -2.55 1.84 9.62
N LEU B 172 -2.73 2.70 8.62
CA LEU B 172 -2.02 2.52 7.36
C LEU B 172 -0.53 2.25 7.57
N VAL B 173 0.14 3.15 8.29
CA VAL B 173 1.56 3.16 8.51
C VAL B 173 2.06 1.87 9.19
N ALA B 174 1.38 1.49 10.25
CA ALA B 174 1.64 0.24 10.97
C ALA B 174 1.45 -1.00 10.10
N ASP B 175 0.34 -1.02 9.39
CA ASP B 175 -0.17 -2.18 8.71
C ASP B 175 0.60 -2.45 7.46
N PHE B 176 1.04 -1.38 6.78
CA PHE B 176 1.83 -1.51 5.56
C PHE B 176 3.34 -1.39 5.80
N ASN B 177 3.72 -1.32 7.08
CA ASN B 177 5.12 -1.27 7.53
C ASN B 177 5.90 -0.02 7.03
N LEU B 178 5.15 1.09 6.91
CA LEU B 178 5.71 2.36 6.39
C LEU B 178 6.76 2.98 7.32
N ASP B 179 7.82 3.50 6.71
CA ASP B 179 8.96 4.01 7.45
C ASP B 179 8.90 5.51 7.68
N VAL B 180 8.01 5.93 8.55
CA VAL B 180 7.67 7.33 8.71
C VAL B 180 6.96 7.47 10.05
N ALA B 181 7.30 8.52 10.75
CA ALA B 181 6.60 8.89 11.94
C ALA B 181 5.40 9.78 11.56
N VAL B 182 4.25 9.41 12.09
CA VAL B 182 3.04 10.22 11.99
C VAL B 182 3.02 11.23 13.14
N VAL B 183 2.92 12.52 12.82
CA VAL B 183 2.83 13.52 13.89
C VAL B 183 1.47 14.24 13.84
N GLY B 184 0.78 14.13 14.96
CA GLY B 184 -0.54 14.68 15.13
C GLY B 184 -0.49 16.01 15.88
N VAL B 185 -0.98 17.07 15.24
CA VAL B 185 -0.77 18.42 15.73
C VAL B 185 -2.13 18.90 16.28
N PRO B 186 -2.13 19.36 17.55
CA PRO B 186 -3.41 19.85 18.15
C PRO B 186 -4.23 20.82 17.27
N THR B 187 -5.57 20.78 17.44
CA THR B 187 -6.50 21.71 16.80
C THR B 187 -6.25 23.21 17.14
N VAL B 188 -6.06 23.99 16.08
CA VAL B 188 -6.14 25.42 16.16
C VAL B 188 -7.62 25.83 16.26
N ARG B 189 -7.92 26.69 17.23
CA ARG B 189 -9.27 27.22 17.42
C ARG B 189 -9.35 28.74 17.35
N GLU B 190 -10.52 29.24 16.95
CA GLU B 190 -10.85 30.67 17.05
C GLU B 190 -10.90 30.99 18.54
N ALA B 191 -11.08 32.28 18.88
CA ALA B 191 -10.94 32.78 20.26
C ALA B 191 -11.98 32.18 21.18
N ASP B 192 -13.14 31.85 20.62
CA ASP B 192 -14.23 31.26 21.41
C ASP B 192 -14.20 29.72 21.46
N GLY B 193 -13.17 29.11 20.85
CA GLY B 193 -13.00 27.65 20.82
C GLY B 193 -13.43 26.90 19.54
N LEU B 194 -14.20 27.52 18.65
CA LEU B 194 -14.57 26.87 17.40
C LEU B 194 -13.37 26.36 16.63
N ALA B 195 -13.39 25.05 16.35
CA ALA B 195 -12.30 24.43 15.65
C ALA B 195 -12.19 25.11 14.27
N MET B 196 -11.00 25.64 13.95
CA MET B 196 -10.79 26.23 12.61
C MET B 196 -10.98 25.29 11.42
N SER B 197 -11.56 25.82 10.37
CA SER B 197 -11.94 25.09 9.19
C SER B 197 -12.39 26.13 8.17
N SER B 198 -12.22 25.79 6.91
CA SER B 198 -12.58 26.67 5.82
C SER B 198 -14.10 26.76 5.72
N ARG B 199 -14.81 25.75 6.22
CA ARG B 199 -16.28 25.85 6.25
C ARG B 199 -16.85 26.94 7.16
N ASN B 200 -16.14 27.29 8.23
CA ASN B 200 -16.69 28.21 9.21
C ASN B 200 -17.22 29.51 8.60
N ARG B 201 -16.71 29.81 7.40
CA ARG B 201 -16.98 31.05 6.67
C ARG B 201 -18.35 31.04 6.04
N TYR B 202 -18.92 29.85 5.83
CA TYR B 202 -20.32 29.72 5.39
C TYR B 202 -21.40 30.07 6.43
N LEU B 203 -21.05 30.11 7.72
CA LEU B 203 -22.07 30.25 8.78
C LEU B 203 -22.66 31.66 8.88
N ASP B 204 -23.96 31.76 8.81
CA ASP B 204 -24.55 33.03 9.06
C ASP B 204 -24.31 33.35 10.50
N PRO B 205 -24.75 34.48 10.95
CA PRO B 205 -24.35 34.87 12.27
C PRO B 205 -25.01 34.07 13.39
N ALA B 206 -26.20 33.57 13.17
CA ALA B 206 -26.89 32.78 14.13
C ALA B 206 -26.23 31.44 14.25
N GLN B 207 -25.91 30.86 13.14
CA GLN B 207 -25.25 29.60 13.08
C GLN B 207 -23.86 29.66 13.69
N ARG B 208 -23.18 30.81 13.57
CA ARG B 208 -21.80 30.96 14.00
C ARG B 208 -21.82 31.10 15.50
N ALA B 209 -22.85 31.78 15.97
CA ALA B 209 -23.10 31.90 17.41
C ALA B 209 -23.42 30.51 17.98
N ALA B 210 -24.22 29.70 17.29
CA ALA B 210 -24.60 28.41 17.84
C ALA B 210 -23.46 27.34 17.75
N ALA B 211 -22.57 27.52 16.77
CA ALA B 211 -21.42 26.62 16.48
C ALA B 211 -20.42 26.52 17.66
N VAL B 212 -20.33 27.57 18.48
CA VAL B 212 -19.53 27.53 19.72
C VAL B 212 -19.91 26.33 20.64
N ALA B 213 -21.11 25.79 20.51
CA ALA B 213 -21.59 24.68 21.36
C ALA B 213 -20.83 23.36 21.18
N LEU B 214 -20.25 23.15 19.99
CA LEU B 214 -19.47 21.90 19.83
C LEU B 214 -18.20 21.88 20.71
N SER B 215 -17.34 22.91 20.62
CA SER B 215 -16.21 23.00 21.54
C SER B 215 -16.62 23.19 23.02
N ALA B 216 -17.62 24.03 23.27
CA ALA B 216 -18.15 24.23 24.61
C ALA B 216 -18.54 22.89 25.24
N ALA B 217 -19.24 22.06 24.47
CA ALA B 217 -19.72 20.79 24.95
C ALA B 217 -18.60 19.80 25.24
N LEU B 218 -17.50 19.90 24.46
CA LEU B 218 -16.42 18.94 24.54
C LEU B 218 -15.53 19.25 25.72
N THR B 219 -15.33 20.55 26.00
CA THR B 219 -14.53 21.00 27.13
C THR B 219 -15.31 20.88 28.44
N ALA B 220 -16.61 21.17 28.44
CA ALA B 220 -17.43 20.77 29.57
C ALA B 220 -17.23 19.27 29.88
N ALA B 221 -17.37 18.43 28.87
CA ALA B 221 -17.26 17.00 29.07
C ALA B 221 -15.90 16.60 29.67
N ALA B 222 -14.81 17.12 29.09
CA ALA B 222 -13.45 16.85 29.55
C ALA B 222 -13.25 17.16 31.04
N HIS B 223 -13.97 18.18 31.53
CA HIS B 223 -13.90 18.65 32.94
C HIS B 223 -14.90 17.94 33.88
N ALA B 224 -16.00 17.46 33.32
CA ALA B 224 -17.00 16.68 33.98
C ALA B 224 -16.50 15.24 34.18
N ALA B 225 -15.39 14.89 33.54
CA ALA B 225 -14.96 13.49 33.49
C ALA B 225 -14.37 12.92 34.79
N THR B 226 -13.96 13.78 35.72
CA THR B 226 -13.65 13.34 37.10
C THR B 226 -14.78 12.58 37.75
N ALA B 227 -16.02 12.96 37.43
CA ALA B 227 -17.22 12.22 37.85
C ALA B 227 -17.50 10.97 36.98
N GLY B 228 -16.64 10.63 36.03
CA GLY B 228 -16.87 9.45 35.19
C GLY B 228 -17.56 9.69 33.83
N ALA B 229 -17.69 8.62 33.04
CA ALA B 229 -18.02 8.69 31.62
C ALA B 229 -19.43 9.12 31.34
N GLN B 230 -20.40 8.72 32.18
CA GLN B 230 -21.75 9.15 31.94
C GLN B 230 -21.89 10.67 32.15
N ALA B 231 -21.27 11.20 33.21
CA ALA B 231 -21.27 12.61 33.51
C ALA B 231 -20.63 13.45 32.39
N ALA B 232 -19.51 13.00 31.82
CA ALA B 232 -18.94 13.59 30.64
C ALA B 232 -19.92 13.63 29.44
N LEU B 233 -20.48 12.47 29.07
CA LEU B 233 -21.42 12.42 27.97
C LEU B 233 -22.62 13.32 28.22
N ASP B 234 -23.15 13.30 29.43
CA ASP B 234 -24.32 14.07 29.79
C ASP B 234 -24.07 15.57 29.82
N ALA B 235 -22.87 15.98 30.24
CA ALA B 235 -22.51 17.40 30.23
C ALA B 235 -22.38 17.89 28.78
N ALA B 236 -21.75 17.10 27.91
CA ALA B 236 -21.71 17.42 26.50
C ALA B 236 -23.09 17.53 25.88
N ARG B 237 -23.98 16.60 26.20
CA ARG B 237 -25.30 16.62 25.61
C ARG B 237 -26.17 17.80 26.07
N ALA B 238 -26.03 18.18 27.34
CA ALA B 238 -26.75 19.32 27.89
C ALA B 238 -26.39 20.56 27.11
N VAL B 239 -25.09 20.73 26.85
CA VAL B 239 -24.60 21.91 26.16
C VAL B 239 -25.13 21.98 24.68
N LEU B 240 -25.05 20.85 23.97
CA LEU B 240 -25.65 20.77 22.61
C LEU B 240 -27.14 21.06 22.64
N ASP B 241 -27.83 20.46 23.62
CA ASP B 241 -29.26 20.73 23.87
C ASP B 241 -29.69 22.18 24.06
N ALA B 242 -28.75 23.02 24.42
CA ALA B 242 -29.03 24.39 24.73
C ALA B 242 -28.80 25.21 23.49
N ALA B 243 -28.46 24.56 22.36
CA ALA B 243 -28.15 25.31 21.13
C ALA B 243 -29.24 25.12 20.09
N PRO B 244 -29.72 26.23 19.51
CA PRO B 244 -30.71 26.12 18.44
C PRO B 244 -30.03 25.84 17.07
N GLY B 245 -30.72 25.12 16.18
CA GLY B 245 -30.28 24.93 14.79
C GLY B 245 -29.07 24.01 14.63
N VAL B 246 -28.79 23.19 15.63
CA VAL B 246 -27.63 22.31 15.65
C VAL B 246 -27.97 20.84 15.60
N ALA B 247 -27.85 20.23 14.46
CA ALA B 247 -28.23 18.86 14.32
C ALA B 247 -27.10 17.88 14.57
N VAL B 248 -27.20 17.14 15.66
CA VAL B 248 -26.14 16.23 16.08
C VAL B 248 -26.15 14.90 15.38
N ASP B 249 -25.15 14.66 14.57
CA ASP B 249 -25.01 13.38 13.85
C ASP B 249 -24.51 12.24 14.74
N TYR B 250 -23.60 12.54 15.65
CA TYR B 250 -23.14 11.57 16.69
C TYR B 250 -22.42 12.35 17.74
N LEU B 251 -22.42 11.78 18.94
CA LEU B 251 -21.59 12.28 20.02
C LEU B 251 -21.07 11.01 20.64
N GLU B 252 -19.76 10.77 20.55
CA GLU B 252 -19.21 9.46 20.97
C GLU B 252 -17.88 9.54 21.68
N LEU B 253 -17.78 8.73 22.73
CA LEU B 253 -16.59 8.50 23.51
C LEU B 253 -15.95 7.17 23.14
N ARG B 254 -14.68 7.21 22.73
CA ARG B 254 -13.97 6.00 22.32
C ARG B 254 -12.63 5.98 23.01
N ASP B 255 -11.90 4.88 22.89
CA ASP B 255 -10.52 4.94 23.36
C ASP B 255 -9.72 5.74 22.34
N ILE B 256 -8.45 6.01 22.64
CA ILE B 256 -7.64 6.88 21.81
C ILE B 256 -7.42 6.31 20.38
N GLY B 257 -7.47 4.98 20.20
CA GLY B 257 -7.47 4.41 18.85
C GLY B 257 -8.88 4.21 18.25
N LEU B 258 -9.89 4.77 18.90
CA LEU B 258 -11.27 4.74 18.41
C LEU B 258 -11.97 3.37 18.54
N GLY B 259 -11.34 2.45 19.27
CA GLY B 259 -12.05 1.28 19.79
C GLY B 259 -13.00 1.73 20.91
N PRO B 260 -13.72 0.77 21.52
CA PRO B 260 -14.71 1.12 22.53
C PRO B 260 -14.08 1.67 23.80
N MET B 261 -14.88 2.48 24.52
CA MET B 261 -14.40 3.12 25.73
C MET B 261 -14.02 2.11 26.79
N PRO B 262 -12.74 2.14 27.23
CA PRO B 262 -12.39 1.33 28.40
C PRO B 262 -12.96 2.01 29.67
N LEU B 263 -13.14 1.25 30.75
CA LEU B 263 -13.84 1.78 31.93
C LEU B 263 -13.16 2.97 32.67
N ASN B 264 -11.85 2.91 32.85
CA ASN B 264 -11.06 4.08 33.26
C ASN B 264 -10.16 4.37 32.10
N GLY B 265 -9.35 5.42 32.20
CA GLY B 265 -8.25 5.61 31.25
C GLY B 265 -8.48 6.71 30.24
N SER B 266 -7.50 6.88 29.37
CA SER B 266 -7.53 7.88 28.33
C SER B 266 -8.58 7.56 27.30
N GLY B 267 -9.30 8.59 26.82
CA GLY B 267 -10.26 8.40 25.71
C GLY B 267 -10.29 9.57 24.79
N ARG B 268 -11.26 9.56 23.88
CA ARG B 268 -11.45 10.67 22.96
C ARG B 268 -12.94 10.84 22.78
N LEU B 269 -13.41 12.08 22.84
CA LEU B 269 -14.83 12.34 22.67
C LEU B 269 -14.94 13.09 21.36
N LEU B 270 -15.75 12.52 20.46
CA LEU B 270 -15.94 13.11 19.11
C LEU B 270 -17.38 13.50 18.90
N VAL B 271 -17.62 14.58 18.16
CA VAL B 271 -18.97 15.12 17.85
C VAL B 271 -19.05 15.58 16.38
N ALA B 272 -20.18 15.35 15.75
CA ALA B 272 -20.42 15.88 14.43
C ALA B 272 -21.81 16.44 14.42
N ALA B 273 -21.98 17.57 13.75
CA ALA B 273 -23.30 18.17 13.70
C ALA B 273 -23.51 19.06 12.45
N ARG B 274 -24.78 19.20 12.05
CA ARG B 274 -25.16 19.96 10.86
C ARG B 274 -25.84 21.26 11.25
N LEU B 275 -25.32 22.36 10.72
CA LEU B 275 -25.87 23.67 10.95
C LEU B 275 -26.20 24.18 9.55
N GLY B 276 -27.50 24.14 9.25
CA GLY B 276 -28.04 24.38 7.92
C GLY B 276 -27.47 23.34 6.98
N THR B 277 -26.66 23.81 6.03
CA THR B 277 -26.00 22.93 5.05
C THR B 277 -24.56 22.62 5.45
N THR B 278 -24.08 23.26 6.52
CA THR B 278 -22.67 23.13 6.87
C THR B 278 -22.44 22.11 8.01
N ARG B 279 -21.63 21.11 7.70
CA ARG B 279 -21.33 20.05 8.62
C ARG B 279 -20.04 20.33 9.39
N LEU B 280 -20.17 20.43 10.72
CA LEU B 280 -19.02 20.69 11.60
C LEU B 280 -18.61 19.46 12.43
N LEU B 281 -17.31 19.33 12.65
CA LEU B 281 -16.74 18.29 13.50
C LEU B 281 -15.90 18.86 14.62
N ASP B 282 -15.89 18.14 15.74
CA ASP B 282 -14.90 18.40 16.77
C ASP B 282 -14.64 17.14 17.59
N ASN B 283 -13.52 17.16 18.31
CA ASN B 283 -13.04 16.08 19.16
C ASN B 283 -12.15 16.51 20.33
N ILE B 284 -12.24 15.84 21.45
CA ILE B 284 -11.38 16.20 22.56
C ILE B 284 -10.80 15.02 23.28
N ALA B 285 -9.64 15.22 23.89
CA ALA B 285 -9.08 14.24 24.78
C ALA B 285 -9.82 14.23 26.10
N ILE B 286 -9.97 13.03 26.63
CA ILE B 286 -10.73 12.74 27.82
C ILE B 286 -9.98 11.79 28.74
N GLU B 287 -10.05 12.05 30.03
CA GLU B 287 -9.46 11.17 31.03
C GLU B 287 -10.56 10.76 31.98
N ILE B 288 -10.90 9.47 32.02
CA ILE B 288 -12.06 9.02 32.81
C ILE B 288 -11.66 8.65 34.23
N GLY B 289 -12.21 9.40 35.19
CA GLY B 289 -11.67 9.49 36.54
C GLY B 289 -10.69 10.65 36.53
OAA BZ2 C . 7.47 -18.87 -4.51
OAB BZ2 C . 6.55 -18.54 -6.50
CAC BZ2 C . 4.63 -13.25 -2.63
CAD BZ2 C . 4.14 -12.95 -3.90
CAE BZ2 C . 5.36 -14.41 -2.47
CAF BZ2 C . 4.38 -13.78 -4.99
CAG BZ2 C . 6.24 -16.41 -3.66
OAH BZ2 C . 5.50 -15.96 -5.70
CAI BZ2 C . 6.82 -18.18 -5.35
CAJ BZ2 C . 6.20 -16.85 -4.92
CAK BZ2 C . 5.59 -15.25 -3.57
CAL BZ2 C . 5.11 -14.95 -4.84
C1 GOL D . -1.90 -5.82 9.81
O1 GOL D . -1.99 -7.10 10.42
C2 GOL D . -1.43 -5.77 8.33
O2 GOL D . -0.25 -6.54 8.12
C3 GOL D . -2.56 -6.16 7.35
O3 GOL D . -3.75 -5.41 7.59
C1 GOL E . -3.27 -6.29 18.59
O1 GOL E . -2.98 -5.30 19.58
C2 GOL E . -4.75 -6.62 18.61
O2 GOL E . -5.32 -6.31 17.36
C3 GOL E . -4.87 -8.11 18.80
O3 GOL E . -5.80 -8.61 17.88
C1 EOH F . -9.91 -5.55 4.87
C2 EOH F . -9.30 -4.19 4.60
O EOH F . -10.72 -5.40 6.02
C1 EOH G . 8.36 -27.72 -28.42
C2 EOH G . 9.84 -27.36 -28.38
O EOH G . 7.63 -27.62 -27.18
OAA BZ2 H . -5.94 20.20 3.88
OAB BZ2 H . -6.31 19.32 5.87
CAC BZ2 H . -4.39 14.03 2.03
CAD BZ2 H . -5.19 13.45 3.01
CAE BZ2 H . -4.24 15.41 1.97
CAF BZ2 H . -5.84 14.26 3.94
CAG BZ2 H . -4.92 17.53 3.10
OAH BZ2 H . -6.18 16.66 4.67
CAI BZ2 H . -5.99 19.23 4.66
CAJ BZ2 H . -5.69 17.82 4.15
CAK BZ2 H . -4.89 16.21 2.93
CAL BZ2 H . -5.68 15.64 3.91
#